data_6HZL
#
_entry.id   6HZL
#
_cell.length_a   141.432
_cell.length_b   141.432
_cell.length_c   206.563
_cell.angle_alpha   90.000
_cell.angle_beta   90.000
_cell.angle_gamma   120.000
#
_symmetry.space_group_name_H-M   'H 3 2'
#
loop_
_entity.id
_entity.type
_entity.pdbx_description
1 polymer Phosphoribulokinase
2 non-polymer 'OSMIUM ION'
3 water water
#
_entity_poly.entity_id   1
_entity_poly.type   'polypeptide(L)'
_entity_poly.pdbx_seq_one_letter_code
;MSKPDRVVLIGVAGDSGCGKSTFLNRLADLFGTELMTVICLDDYHSLDRKGRKEAGVTALDPRANNFDLMYEQVKALKNG
ETIMKPIYNHETGLIDPPEKIEPNRIIVIEGLHPLYDERVRELLDFSVYLDIDDEVKIAWKIQRDMAERGHSYEDVLASI
EARRPDFKAYIEPQRGHADIVIRVMPTQLIPNDTERKVLRVQLIQREGRDGFEPAYLFDEGSTIQWTPCGRKLTCSYPGI
RLAYGPDTYYGHEVSVLEVDGQFENLEEMIYVEGHLSKTDTQYYGELTHLLLQHKDYPGSNNGTGLFQVLTGLKMRAAYE
RLTSQAAPVAASV
;
_entity_poly.pdbx_strand_id   A,B
#
# COMPACT_ATOMS: atom_id res chain seq x y z
N PRO A 4 -34.03 -9.46 25.15
CA PRO A 4 -33.34 -10.70 25.54
C PRO A 4 -31.88 -10.49 25.91
N ASP A 5 -31.51 -10.87 27.13
CA ASP A 5 -30.12 -10.83 27.58
C ASP A 5 -29.30 -11.86 26.77
N ARG A 6 -28.79 -11.41 25.64
CA ARG A 6 -28.17 -12.30 24.66
C ARG A 6 -26.74 -12.69 25.07
N VAL A 7 -26.42 -13.98 24.90
CA VAL A 7 -25.09 -14.51 25.19
C VAL A 7 -24.31 -14.67 23.89
N VAL A 8 -23.15 -14.01 23.81
CA VAL A 8 -22.28 -14.06 22.63
C VAL A 8 -21.16 -15.08 22.83
N LEU A 9 -20.94 -15.91 21.81
CA LEU A 9 -19.94 -17.00 21.87
C LEU A 9 -18.76 -16.75 20.96
N ILE A 10 -17.56 -16.84 21.54
CA ILE A 10 -16.32 -16.63 20.81
C ILE A 10 -15.46 -17.88 20.90
N GLY A 11 -14.95 -18.34 19.76
CA GLY A 11 -14.08 -19.50 19.69
C GLY A 11 -12.64 -19.12 19.41
N VAL A 12 -11.70 -19.70 20.14
CA VAL A 12 -10.27 -19.40 19.98
C VAL A 12 -9.48 -20.70 19.85
N ALA A 13 -9.02 -20.99 18.63
CA ALA A 13 -8.22 -22.18 18.35
C ALA A 13 -6.73 -21.88 18.44
N GLY A 14 -5.97 -22.81 19.01
CA GLY A 14 -4.54 -22.61 19.24
C GLY A 14 -3.95 -23.73 20.07
N ASP A 15 -2.61 -23.80 20.09
CA ASP A 15 -1.91 -24.89 20.76
C ASP A 15 -1.06 -24.45 21.97
N SER A 16 -1.29 -23.23 22.43
CA SER A 16 -0.48 -22.64 23.50
C SER A 16 -0.88 -23.10 24.92
N GLY A 17 -1.87 -23.98 25.01
CA GLY A 17 -2.35 -24.44 26.32
C GLY A 17 -3.36 -23.47 26.90
N CYS A 18 -4.21 -23.97 27.78
CA CYS A 18 -5.27 -23.16 28.38
C CYS A 18 -4.73 -22.20 29.44
N GLY A 19 -5.11 -20.93 29.32
CA GLY A 19 -4.70 -19.89 30.27
C GLY A 19 -3.27 -19.42 30.11
N LYS A 20 -2.60 -19.85 29.04
CA LYS A 20 -1.18 -19.56 28.83
C LYS A 20 -0.90 -18.71 27.59
N SER A 21 -1.95 -18.30 26.87
CA SER A 21 -1.77 -17.46 25.68
C SER A 21 -1.94 -16.00 26.04
N THR A 22 -1.15 -15.16 25.39
CA THR A 22 -1.22 -13.72 25.61
C THR A 22 -2.46 -13.10 24.99
N PHE A 23 -3.02 -13.78 23.98
CA PHE A 23 -4.23 -13.30 23.31
C PHE A 23 -5.41 -13.18 24.26
N LEU A 24 -5.58 -14.19 25.12
CA LEU A 24 -6.66 -14.16 26.12
C LEU A 24 -6.43 -13.11 27.19
N ASN A 25 -5.17 -12.86 27.54
CA ASN A 25 -4.83 -11.75 28.43
C ASN A 25 -5.22 -10.40 27.80
N ARG A 26 -4.96 -10.26 26.50
CA ARG A 26 -5.36 -9.05 25.78
C ARG A 26 -6.88 -8.92 25.71
N LEU A 27 -7.59 -10.03 25.52
CA LEU A 27 -9.05 -10.04 25.57
C LEU A 27 -9.56 -9.63 26.94
N ALA A 28 -8.92 -10.15 27.99
CA ALA A 28 -9.27 -9.80 29.36
C ALA A 28 -9.02 -8.30 29.62
N ASP A 29 -7.99 -7.74 29.01
CA ASP A 29 -7.71 -6.32 29.11
C ASP A 29 -8.82 -5.50 28.47
N LEU A 30 -9.33 -6.01 27.35
CA LEU A 30 -10.37 -5.32 26.59
C LEU A 30 -11.75 -5.48 27.24
N PHE A 31 -12.16 -6.73 27.47
CA PHE A 31 -13.51 -7.04 27.95
C PHE A 31 -13.63 -7.21 29.46
N GLY A 32 -12.51 -7.26 30.18
CA GLY A 32 -12.53 -7.51 31.63
C GLY A 32 -12.78 -8.98 31.94
N THR A 33 -12.80 -9.31 33.22
CA THR A 33 -13.02 -10.69 33.66
C THR A 33 -14.37 -10.91 34.36
N GLU A 34 -15.11 -9.83 34.63
CA GLU A 34 -16.40 -9.92 35.31
C GLU A 34 -17.49 -10.44 34.38
N LEU A 35 -17.60 -9.84 33.20
CA LEU A 35 -18.66 -10.17 32.25
C LEU A 35 -18.20 -11.11 31.13
N MET A 36 -16.97 -11.63 31.23
CA MET A 36 -16.47 -12.65 30.31
C MET A 36 -15.95 -13.84 31.12
N THR A 37 -16.43 -15.03 30.79
CA THR A 37 -15.88 -16.27 31.35
C THR A 37 -15.22 -17.08 30.24
N VAL A 38 -14.03 -17.59 30.54
CA VAL A 38 -13.27 -18.40 29.59
C VAL A 38 -13.44 -19.87 29.94
N ILE A 39 -13.73 -20.69 28.93
CA ILE A 39 -13.87 -22.13 29.11
C ILE A 39 -12.75 -22.86 28.36
N CYS A 40 -11.91 -23.57 29.10
CA CYS A 40 -10.89 -24.45 28.51
C CYS A 40 -11.56 -25.72 27.99
N LEU A 41 -11.37 -26.02 26.71
CA LEU A 41 -12.03 -27.19 26.09
C LEU A 41 -11.40 -28.55 26.43
N ASP A 42 -10.26 -28.56 27.12
CA ASP A 42 -9.68 -29.82 27.61
C ASP A 42 -10.58 -30.47 28.66
N ASP A 43 -11.47 -29.68 29.24
CA ASP A 43 -12.47 -30.17 30.17
C ASP A 43 -13.43 -31.18 29.54
N TYR A 44 -13.56 -31.16 28.22
CA TYR A 44 -14.43 -32.12 27.52
C TYR A 44 -13.67 -33.31 26.94
N HIS A 45 -12.61 -33.74 27.63
CA HIS A 45 -11.93 -34.99 27.29
C HIS A 45 -12.82 -36.17 27.68
N SER A 46 -13.08 -37.06 26.73
CA SER A 46 -13.78 -38.31 27.02
C SER A 46 -12.83 -39.35 27.62
N LEU A 47 -11.53 -39.17 27.44
CA LEU A 47 -10.53 -40.09 27.96
C LEU A 47 -9.51 -39.36 28.82
N ASP A 48 -9.33 -39.85 30.05
CA ASP A 48 -8.25 -39.36 30.92
C ASP A 48 -6.88 -39.78 30.37
N ARG A 49 -5.81 -39.30 31.00
CA ARG A 49 -4.45 -39.53 30.52
C ARG A 49 -4.13 -41.02 30.37
N LYS A 50 -4.55 -41.82 31.35
CA LYS A 50 -4.34 -43.28 31.29
C LYS A 50 -5.17 -43.90 30.17
N GLY A 51 -6.40 -43.42 30.05
CA GLY A 51 -7.31 -43.88 28.99
C GLY A 51 -6.78 -43.61 27.60
N ARG A 52 -6.15 -42.45 27.40
CA ARG A 52 -5.51 -42.10 26.14
C ARG A 52 -4.35 -43.04 25.81
N LYS A 53 -3.52 -43.32 26.81
CA LYS A 53 -2.42 -44.25 26.66
C LYS A 53 -2.95 -45.63 26.28
N GLU A 54 -3.92 -46.12 27.06
CA GLU A 54 -4.63 -47.37 26.80
C GLU A 54 -5.17 -47.47 25.37
N ALA A 55 -5.80 -46.39 24.91
CA ALA A 55 -6.38 -46.35 23.57
C ALA A 55 -5.35 -46.16 22.46
N GLY A 56 -4.19 -45.59 22.82
CA GLY A 56 -3.15 -45.31 21.84
C GLY A 56 -3.42 -44.06 21.03
N VAL A 57 -3.99 -43.04 21.67
CA VAL A 57 -4.30 -41.77 21.02
C VAL A 57 -3.79 -40.62 21.85
N THR A 58 -3.66 -39.46 21.22
CA THR A 58 -3.24 -38.23 21.90
C THR A 58 -4.45 -37.36 22.18
N ALA A 59 -4.23 -36.24 22.88
CA ALA A 59 -5.30 -35.28 23.17
C ALA A 59 -5.83 -34.61 21.91
N LEU A 60 -4.98 -34.51 20.89
CA LEU A 60 -5.36 -33.93 19.59
C LEU A 60 -6.38 -34.78 18.83
N ASP A 61 -6.45 -36.08 19.15
CA ASP A 61 -7.33 -36.99 18.45
C ASP A 61 -8.79 -36.71 18.85
N PRO A 62 -9.70 -36.61 17.87
CA PRO A 62 -11.12 -36.40 18.15
C PRO A 62 -11.69 -37.41 19.13
N ARG A 63 -11.22 -38.65 19.02
CA ARG A 63 -11.69 -39.75 19.88
C ARG A 63 -11.36 -39.57 21.36
N ALA A 64 -10.41 -38.69 21.67
CA ALA A 64 -10.11 -38.34 23.06
C ALA A 64 -11.04 -37.25 23.60
N ASN A 65 -11.95 -36.74 22.77
CA ASN A 65 -12.78 -35.60 23.14
C ASN A 65 -14.27 -35.85 22.94
N ASN A 66 -15.08 -35.33 23.86
CA ASN A 66 -16.53 -35.50 23.82
C ASN A 66 -17.20 -34.27 23.24
N PHE A 67 -17.46 -34.31 21.94
CA PHE A 67 -18.07 -33.18 21.23
C PHE A 67 -19.59 -33.10 21.42
N ASP A 68 -20.22 -34.22 21.74
CA ASP A 68 -21.66 -34.22 21.99
C ASP A 68 -21.97 -33.42 23.25
N LEU A 69 -21.28 -33.73 24.34
CA LEU A 69 -21.43 -32.99 25.60
C LEU A 69 -21.04 -31.53 25.42
N MET A 70 -19.97 -31.30 24.65
CA MET A 70 -19.51 -29.94 24.37
C MET A 70 -20.62 -29.12 23.73
N TYR A 71 -21.18 -29.64 22.63
CA TYR A 71 -22.28 -28.99 21.92
C TYR A 71 -23.45 -28.68 22.84
N GLU A 72 -23.86 -29.66 23.63
CA GLU A 72 -25.03 -29.53 24.50
C GLU A 72 -24.85 -28.44 25.55
N GLN A 73 -23.71 -28.45 26.24
CA GLN A 73 -23.44 -27.49 27.30
C GLN A 73 -23.19 -26.07 26.77
N VAL A 74 -22.57 -25.96 25.61
CA VAL A 74 -22.36 -24.67 24.97
C VAL A 74 -23.70 -24.11 24.46
N LYS A 75 -24.50 -24.98 23.84
CA LYS A 75 -25.86 -24.65 23.42
C LYS A 75 -26.71 -24.20 24.61
N ALA A 76 -26.59 -24.92 25.73
CA ALA A 76 -27.30 -24.57 26.95
C ALA A 76 -26.90 -23.21 27.49
N LEU A 77 -25.59 -22.92 27.45
CA LEU A 77 -25.07 -21.63 27.92
C LEU A 77 -25.60 -20.47 27.08
N LYS A 78 -25.66 -20.66 25.76
CA LYS A 78 -26.14 -19.62 24.86
C LYS A 78 -27.64 -19.43 25.02
N ASN A 79 -28.32 -20.47 25.49
CA ASN A 79 -29.75 -20.44 25.79
C ASN A 79 -30.07 -19.96 27.22
N GLY A 80 -29.06 -19.48 27.94
CA GLY A 80 -29.27 -18.90 29.27
C GLY A 80 -29.30 -19.87 30.44
N GLU A 81 -29.01 -21.15 30.19
CA GLU A 81 -29.02 -22.15 31.25
C GLU A 81 -27.66 -22.26 31.94
N THR A 82 -27.69 -22.55 33.23
CA THR A 82 -26.49 -22.91 33.98
C THR A 82 -26.12 -24.35 33.63
N ILE A 83 -24.83 -24.66 33.65
CA ILE A 83 -24.35 -26.01 33.34
C ILE A 83 -23.44 -26.55 34.44
N MET A 84 -23.35 -27.88 34.49
CA MET A 84 -22.41 -28.56 35.37
C MET A 84 -21.34 -29.21 34.50
N LYS A 85 -20.30 -28.45 34.17
CA LYS A 85 -19.26 -28.93 33.25
C LYS A 85 -18.09 -29.58 34.00
N PRO A 86 -17.55 -30.66 33.42
CA PRO A 86 -16.41 -31.35 34.05
C PRO A 86 -15.13 -30.52 34.11
N ILE A 87 -14.24 -30.89 35.01
CA ILE A 87 -12.94 -30.25 35.16
C ILE A 87 -11.87 -31.29 34.88
N TYR A 88 -11.05 -31.06 33.86
CA TYR A 88 -9.92 -31.94 33.57
C TYR A 88 -8.66 -31.43 34.27
N ASN A 89 -8.22 -32.15 35.29
CA ASN A 89 -6.99 -31.80 36.02
C ASN A 89 -5.77 -32.20 35.22
N HIS A 90 -4.98 -31.21 34.81
CA HIS A 90 -3.79 -31.46 33.98
C HIS A 90 -2.65 -32.07 34.78
N GLU A 91 -2.62 -31.83 36.09
CA GLU A 91 -1.54 -32.34 36.94
C GLU A 91 -1.67 -33.85 37.17
N THR A 92 -2.84 -34.26 37.66
CA THR A 92 -3.11 -35.67 37.91
C THR A 92 -3.52 -36.42 36.64
N GLY A 93 -4.00 -35.69 35.64
CA GLY A 93 -4.47 -36.30 34.42
C GLY A 93 -5.79 -37.03 34.61
N LEU A 94 -6.58 -36.54 35.56
CA LEU A 94 -7.90 -37.12 35.86
C LEU A 94 -9.00 -36.13 35.55
N ILE A 95 -10.23 -36.65 35.44
CA ILE A 95 -11.42 -35.84 35.25
C ILE A 95 -12.11 -35.70 36.60
N ASP A 96 -12.10 -34.48 37.13
CA ASP A 96 -12.66 -34.19 38.44
C ASP A 96 -14.16 -33.93 38.35
N PRO A 97 -14.84 -33.90 39.52
CA PRO A 97 -16.27 -33.56 39.58
C PRO A 97 -16.62 -32.24 38.87
N PRO A 98 -17.84 -32.17 38.29
CA PRO A 98 -18.33 -30.98 37.59
C PRO A 98 -18.20 -29.64 38.33
N GLU A 99 -18.13 -28.57 37.55
CA GLU A 99 -18.08 -27.21 38.03
C GLU A 99 -19.38 -26.52 37.61
N LYS A 100 -19.89 -25.63 38.44
CA LYS A 100 -21.08 -24.85 38.10
C LYS A 100 -20.66 -23.62 37.32
N ILE A 101 -21.13 -23.52 36.08
CA ILE A 101 -20.85 -22.35 35.23
C ILE A 101 -22.17 -21.70 34.81
N GLU A 102 -22.35 -20.44 35.17
CA GLU A 102 -23.52 -19.66 34.77
C GLU A 102 -23.26 -18.95 33.44
N PRO A 103 -24.33 -18.55 32.73
CA PRO A 103 -24.14 -17.80 31.49
C PRO A 103 -23.53 -16.42 31.73
N ASN A 104 -22.98 -15.81 30.68
CA ASN A 104 -22.43 -14.46 30.77
C ASN A 104 -22.57 -13.72 29.45
N ARG A 105 -22.32 -12.41 29.47
CA ARG A 105 -22.43 -11.57 28.27
C ARG A 105 -21.60 -12.16 27.14
N ILE A 106 -20.33 -12.45 27.46
CA ILE A 106 -19.44 -13.12 26.52
C ILE A 106 -18.98 -14.46 27.10
N ILE A 107 -19.02 -15.51 26.27
CA ILE A 107 -18.43 -16.80 26.59
C ILE A 107 -17.34 -17.08 25.57
N VAL A 108 -16.12 -17.27 26.03
CA VAL A 108 -15.02 -17.67 25.16
C VAL A 108 -14.72 -19.15 25.39
N ILE A 109 -14.78 -19.95 24.32
CA ILE A 109 -14.31 -21.33 24.39
C ILE A 109 -12.93 -21.42 23.73
N GLU A 110 -11.97 -21.89 24.51
CA GLU A 110 -10.56 -21.92 24.13
C GLU A 110 -10.09 -23.37 24.11
N GLY A 111 -9.24 -23.71 23.14
CA GLY A 111 -8.59 -25.02 23.14
C GLY A 111 -8.14 -25.45 21.77
N LEU A 112 -8.00 -26.77 21.59
CA LEU A 112 -7.53 -27.34 20.34
C LEU A 112 -8.65 -27.55 19.30
N HIS A 113 -9.88 -27.82 19.74
CA HIS A 113 -10.97 -28.20 18.83
C HIS A 113 -12.25 -27.36 18.92
N PRO A 114 -12.14 -26.03 19.11
CA PRO A 114 -13.38 -25.26 19.15
C PRO A 114 -14.13 -25.19 17.80
N LEU A 115 -13.41 -25.38 16.69
CA LEU A 115 -14.01 -25.32 15.36
C LEU A 115 -14.10 -26.66 14.66
N TYR A 116 -13.88 -27.76 15.40
CA TYR A 116 -13.83 -29.08 14.80
C TYR A 116 -15.22 -29.63 14.46
N ASP A 117 -16.15 -29.52 15.41
CA ASP A 117 -17.49 -30.05 15.21
C ASP A 117 -18.38 -29.05 14.47
N GLU A 118 -19.13 -29.56 13.50
CA GLU A 118 -20.07 -28.77 12.70
C GLU A 118 -21.12 -28.05 13.55
N ARG A 119 -21.65 -28.76 14.53
CA ARG A 119 -22.72 -28.23 15.39
C ARG A 119 -22.23 -27.09 16.28
N VAL A 120 -21.02 -27.20 16.79
CA VAL A 120 -20.42 -26.16 17.64
C VAL A 120 -20.07 -24.91 16.84
N ARG A 121 -19.58 -25.10 15.62
CA ARG A 121 -19.30 -23.98 14.72
C ARG A 121 -20.49 -23.04 14.55
N GLU A 122 -21.67 -23.60 14.35
CA GLU A 122 -22.87 -22.83 14.08
C GLU A 122 -23.33 -22.01 15.29
N LEU A 123 -22.93 -22.42 16.48
CA LEU A 123 -23.21 -21.66 17.71
C LEU A 123 -22.28 -20.46 17.91
N LEU A 124 -21.11 -20.48 17.26
CA LEU A 124 -20.13 -19.41 17.43
C LEU A 124 -20.51 -18.17 16.66
N ASP A 125 -20.23 -17.01 17.26
CA ASP A 125 -20.52 -15.72 16.65
C ASP A 125 -19.26 -15.07 16.07
N PHE A 126 -18.11 -15.40 16.64
CA PHE A 126 -16.82 -15.02 16.09
C PHE A 126 -15.82 -16.13 16.42
N SER A 127 -14.78 -16.25 15.59
CA SER A 127 -13.77 -17.28 15.82
C SER A 127 -12.38 -16.88 15.33
N VAL A 128 -11.36 -17.36 16.04
CA VAL A 128 -9.96 -17.04 15.73
C VAL A 128 -9.10 -18.29 15.81
N TYR A 129 -8.25 -18.47 14.80
CA TYR A 129 -7.21 -19.49 14.84
C TYR A 129 -5.86 -18.82 14.95
N LEU A 130 -5.06 -19.20 15.94
CA LEU A 130 -3.72 -18.65 16.12
C LEU A 130 -2.70 -19.63 15.54
N ASP A 131 -2.20 -19.31 14.35
CA ASP A 131 -1.31 -20.18 13.57
C ASP A 131 0.15 -19.71 13.68
N ILE A 132 0.93 -20.37 14.54
CA ILE A 132 2.33 -19.99 14.76
C ILE A 132 3.30 -20.98 14.14
N ASP A 133 4.23 -20.47 13.32
CA ASP A 133 5.23 -21.30 12.68
C ASP A 133 6.11 -21.98 13.72
N ASP A 134 6.40 -23.25 13.49
CA ASP A 134 7.24 -24.08 14.38
C ASP A 134 8.50 -23.35 14.85
N GLU A 135 9.25 -22.78 13.92
CA GLU A 135 10.49 -22.08 14.26
C GLU A 135 10.28 -20.86 15.16
N VAL A 136 9.18 -20.14 14.97
CA VAL A 136 8.89 -18.98 15.81
C VAL A 136 8.56 -19.44 17.22
N LYS A 137 7.66 -20.42 17.34
CA LYS A 137 7.34 -21.02 18.62
C LYS A 137 8.60 -21.44 19.38
N ILE A 138 9.54 -22.05 18.67
CA ILE A 138 10.79 -22.53 19.28
C ILE A 138 11.67 -21.36 19.72
N ALA A 139 11.84 -20.37 18.85
CA ALA A 139 12.67 -19.21 19.17
C ALA A 139 12.13 -18.45 20.38
N TRP A 140 10.81 -18.31 20.47
CA TRP A 140 10.17 -17.69 21.63
C TRP A 140 10.49 -18.45 22.92
N LYS A 141 10.37 -19.77 22.87
CA LYS A 141 10.62 -20.61 24.03
C LYS A 141 12.05 -20.43 24.56
N ILE A 142 13.01 -20.21 23.66
CA ILE A 142 14.40 -19.98 24.05
C ILE A 142 14.57 -18.60 24.71
N GLN A 143 13.87 -17.60 24.17
CA GLN A 143 13.92 -16.24 24.74
C GLN A 143 13.30 -16.17 26.13
N ARG A 144 12.18 -16.88 26.31
CA ARG A 144 11.52 -16.97 27.61
C ARG A 144 12.40 -17.71 28.61
N ASP A 145 12.99 -18.83 28.16
CA ASP A 145 13.92 -19.62 28.98
C ASP A 145 15.16 -18.83 29.37
N MET A 146 15.69 -18.03 28.44
CA MET A 146 16.84 -17.18 28.70
C MET A 146 16.60 -16.21 29.86
N ALA A 147 15.36 -15.70 29.98
CA ALA A 147 15.02 -14.72 31.00
C ALA A 147 15.06 -15.29 32.43
N GLU A 148 14.15 -16.21 32.73
CA GLU A 148 13.99 -16.73 34.10
C GLU A 148 14.75 -18.04 34.38
N ARG A 149 15.61 -18.45 33.45
CA ARG A 149 16.46 -19.64 33.64
C ARG A 149 15.64 -20.92 33.82
N GLY A 150 14.81 -21.24 32.82
CA GLY A 150 13.96 -22.43 32.84
C GLY A 150 14.59 -23.62 32.14
N HIS A 151 15.08 -23.40 30.92
CA HIS A 151 15.65 -24.44 30.06
C HIS A 151 14.71 -25.65 29.88
N SER A 152 13.54 -25.38 29.32
CA SER A 152 12.55 -26.42 29.01
C SER A 152 12.13 -26.33 27.54
N TYR A 153 13.07 -25.95 26.67
CA TYR A 153 12.78 -25.78 25.25
C TYR A 153 12.98 -27.05 24.43
N GLU A 154 13.78 -27.98 24.96
CA GLU A 154 14.02 -29.26 24.29
C GLU A 154 12.78 -30.15 24.31
N ASP A 155 11.86 -29.87 25.23
CA ASP A 155 10.58 -30.59 25.32
C ASP A 155 9.55 -30.02 24.35
N VAL A 156 9.62 -28.73 24.08
CA VAL A 156 8.77 -28.11 23.06
C VAL A 156 9.16 -28.63 21.68
N LEU A 157 10.46 -28.78 21.44
CA LEU A 157 10.94 -29.32 20.18
C LEU A 157 10.40 -30.74 19.98
N ALA A 158 10.59 -31.59 20.97
CA ALA A 158 10.08 -32.95 20.93
C ALA A 158 8.58 -32.96 20.65
N SER A 159 7.85 -32.12 21.38
CA SER A 159 6.41 -32.05 21.26
C SER A 159 5.96 -31.68 19.85
N ILE A 160 6.67 -30.73 19.24
CA ILE A 160 6.30 -30.24 17.91
C ILE A 160 6.45 -31.32 16.84
N GLU A 161 7.58 -32.01 16.83
CA GLU A 161 7.85 -33.04 15.83
C GLU A 161 6.90 -34.21 15.91
N ALA A 162 6.67 -34.70 17.13
CA ALA A 162 5.81 -35.84 17.34
C ALA A 162 4.33 -35.52 17.09
N ARG A 163 3.92 -34.28 17.35
CA ARG A 163 2.51 -33.88 17.18
C ARG A 163 2.09 -33.68 15.73
N ARG A 164 3.03 -33.56 14.80
CA ARG A 164 2.71 -33.15 13.43
C ARG A 164 1.58 -33.94 12.77
N PRO A 165 1.66 -35.28 12.80
CA PRO A 165 0.60 -36.05 12.13
C PRO A 165 -0.80 -35.68 12.62
N ASP A 166 -1.03 -35.73 13.93
CA ASP A 166 -2.34 -35.42 14.51
C ASP A 166 -2.66 -33.93 14.40
N PHE A 167 -1.64 -33.08 14.43
CA PHE A 167 -1.81 -31.64 14.29
C PHE A 167 -2.34 -31.30 12.91
N LYS A 168 -1.69 -31.87 11.89
CA LYS A 168 -2.12 -31.69 10.50
C LYS A 168 -3.46 -32.36 10.19
N ALA A 169 -3.74 -33.47 10.88
CA ALA A 169 -4.95 -34.25 10.62
C ALA A 169 -6.20 -33.58 11.19
N TYR A 170 -6.10 -33.08 12.43
CA TYR A 170 -7.28 -32.64 13.18
C TYR A 170 -7.28 -31.19 13.64
N ILE A 171 -6.13 -30.52 13.68
CA ILE A 171 -6.06 -29.16 14.22
C ILE A 171 -6.04 -28.11 13.12
N GLU A 172 -5.12 -28.24 12.17
CA GLU A 172 -4.89 -27.20 11.16
C GLU A 172 -6.09 -26.91 10.24
N PRO A 173 -6.86 -27.95 9.85
CA PRO A 173 -8.02 -27.70 8.98
C PRO A 173 -9.09 -26.75 9.58
N GLN A 174 -9.04 -26.52 10.90
CA GLN A 174 -9.90 -25.51 11.52
C GLN A 174 -9.62 -24.09 11.05
N ARG A 175 -8.45 -23.88 10.43
CA ARG A 175 -8.14 -22.59 9.82
C ARG A 175 -9.11 -22.22 8.71
N GLY A 176 -9.63 -23.22 8.01
CA GLY A 176 -10.62 -23.01 6.95
C GLY A 176 -11.97 -22.51 7.42
N HIS A 177 -12.26 -22.67 8.72
CA HIS A 177 -13.54 -22.23 9.28
C HIS A 177 -13.43 -21.00 10.17
N ALA A 178 -12.21 -20.53 10.43
CA ALA A 178 -12.01 -19.39 11.32
C ALA A 178 -12.27 -18.07 10.59
N ASP A 179 -12.94 -17.14 11.27
CA ASP A 179 -13.19 -15.81 10.69
C ASP A 179 -11.89 -15.08 10.48
N ILE A 180 -11.03 -15.10 11.49
CA ILE A 180 -9.71 -14.50 11.41
C ILE A 180 -8.67 -15.57 11.72
N VAL A 181 -7.58 -15.54 10.97
CA VAL A 181 -6.44 -16.38 11.26
C VAL A 181 -5.23 -15.47 11.37
N ILE A 182 -4.62 -15.44 12.55
CA ILE A 182 -3.38 -14.71 12.76
C ILE A 182 -2.23 -15.69 12.53
N ARG A 183 -1.47 -15.45 11.47
CA ARG A 183 -0.43 -16.37 11.05
C ARG A 183 0.95 -15.73 11.24
N VAL A 184 1.76 -16.31 12.13
CA VAL A 184 3.09 -15.79 12.44
C VAL A 184 4.15 -16.66 11.77
N MET A 185 5.24 -16.03 11.34
CA MET A 185 6.30 -16.71 10.62
C MET A 185 7.55 -15.82 10.54
N PRO A 186 8.70 -16.41 10.18
CA PRO A 186 9.90 -15.59 10.15
C PRO A 186 9.92 -14.52 9.06
N THR A 187 10.73 -13.50 9.27
CA THR A 187 10.76 -12.32 8.41
C THR A 187 11.34 -12.58 7.02
N GLN A 188 10.95 -11.72 6.08
CA GLN A 188 11.53 -11.70 4.74
C GLN A 188 12.32 -10.41 4.51
N LEU A 189 12.56 -9.66 5.58
CA LEU A 189 13.28 -8.39 5.48
C LEU A 189 14.79 -8.59 5.66
N ILE A 190 15.18 -9.67 6.33
CA ILE A 190 16.59 -9.95 6.61
C ILE A 190 17.06 -11.24 5.92
N PRO A 191 18.11 -11.17 5.08
CA PRO A 191 18.66 -12.33 4.35
C PRO A 191 19.03 -13.58 5.17
N ASN A 192 19.83 -13.42 6.22
CA ASN A 192 20.22 -14.56 7.08
C ASN A 192 19.82 -14.28 8.51
N ASP A 193 18.55 -14.55 8.81
CA ASP A 193 17.99 -14.30 10.12
C ASP A 193 18.55 -15.26 11.17
N THR A 194 19.41 -14.71 12.03
CA THR A 194 20.06 -15.50 13.09
C THR A 194 19.43 -15.21 14.45
N GLU A 195 19.05 -13.95 14.69
CA GLU A 195 18.38 -13.55 15.93
C GLU A 195 17.01 -14.24 16.11
N ARG A 196 16.28 -14.40 15.02
CA ARG A 196 14.91 -14.95 15.04
C ARG A 196 13.92 -14.07 15.82
N LYS A 197 14.21 -12.77 15.87
CA LYS A 197 13.40 -11.81 16.60
C LYS A 197 12.34 -11.17 15.71
N VAL A 198 12.75 -10.68 14.55
CA VAL A 198 11.85 -9.97 13.65
C VAL A 198 10.86 -10.95 13.00
N LEU A 199 9.57 -10.58 13.03
CA LEU A 199 8.50 -11.48 12.61
C LEU A 199 7.68 -10.92 11.46
N ARG A 200 7.10 -11.83 10.67
CA ARG A 200 6.20 -11.49 9.60
C ARG A 200 4.84 -12.10 9.96
N VAL A 201 3.83 -11.25 10.11
CA VAL A 201 2.55 -11.70 10.61
C VAL A 201 1.44 -11.38 9.61
N GLN A 202 0.51 -12.32 9.46
CA GLN A 202 -0.61 -12.18 8.53
C GLN A 202 -1.95 -12.26 9.24
N LEU A 203 -2.81 -11.29 8.99
CA LEU A 203 -4.17 -11.30 9.45
C LEU A 203 -5.06 -11.72 8.30
N ILE A 204 -5.38 -13.01 8.25
CA ILE A 204 -6.18 -13.57 7.16
C ILE A 204 -7.66 -13.51 7.54
N GLN A 205 -8.37 -12.58 6.93
CA GLN A 205 -9.75 -12.27 7.29
C GLN A 205 -10.73 -12.84 6.29
N ARG A 206 -11.72 -13.58 6.80
CA ARG A 206 -12.71 -14.25 5.96
C ARG A 206 -13.76 -13.27 5.44
N GLU A 207 -14.01 -13.31 4.15
CA GLU A 207 -15.03 -12.45 3.52
C GLU A 207 -16.42 -13.07 3.61
N GLY A 208 -17.44 -12.23 3.49
CA GLY A 208 -18.83 -12.68 3.43
C GLY A 208 -19.46 -13.05 4.76
N ARG A 209 -18.74 -12.87 5.86
CA ARG A 209 -19.29 -13.10 7.19
C ARG A 209 -20.03 -11.84 7.61
N ASP A 210 -21.34 -11.81 7.42
CA ASP A 210 -22.12 -10.63 7.73
C ASP A 210 -21.90 -10.22 9.19
N GLY A 211 -21.71 -8.92 9.42
CA GLY A 211 -21.35 -8.41 10.73
C GLY A 211 -19.87 -8.54 11.02
N PHE A 212 -19.06 -8.48 9.97
CA PHE A 212 -17.61 -8.48 10.09
C PHE A 212 -17.00 -7.90 8.81
N GLU A 213 -16.59 -6.64 8.86
CA GLU A 213 -15.93 -5.98 7.73
C GLU A 213 -14.41 -6.07 7.94
N PRO A 214 -13.69 -6.75 7.02
CA PRO A 214 -12.24 -6.85 7.15
C PRO A 214 -11.53 -5.52 7.12
N ALA A 215 -10.46 -5.42 7.90
CA ALA A 215 -9.56 -4.28 7.84
C ALA A 215 -8.75 -4.38 6.56
N TYR A 216 -8.41 -3.23 5.99
CA TYR A 216 -7.62 -3.18 4.76
C TYR A 216 -6.66 -2.01 4.78
N LEU A 217 -5.87 -1.90 3.71
CA LEU A 217 -4.90 -0.83 3.56
C LEU A 217 -5.10 -0.16 2.20
N PHE A 218 -5.41 1.13 2.23
CA PHE A 218 -5.55 1.97 1.02
C PHE A 218 -6.80 1.68 0.20
N ASP A 219 -6.83 0.56 -0.51
CA ASP A 219 -7.93 0.24 -1.41
C ASP A 219 -8.39 -1.20 -1.21
N GLU A 220 -9.63 -1.36 -0.78
CA GLU A 220 -10.22 -2.67 -0.52
C GLU A 220 -10.31 -3.46 -1.81
N GLY A 221 -9.93 -4.73 -1.75
CA GLY A 221 -10.05 -5.64 -2.88
C GLY A 221 -8.94 -5.55 -3.93
N SER A 222 -7.91 -4.76 -3.65
CA SER A 222 -6.76 -4.63 -4.54
C SER A 222 -5.49 -4.93 -3.76
N THR A 223 -4.41 -5.21 -4.46
CA THR A 223 -3.17 -5.68 -3.85
C THR A 223 -2.17 -4.54 -3.72
N ILE A 224 -1.57 -4.42 -2.53
CA ILE A 224 -0.66 -3.33 -2.24
C ILE A 224 0.48 -3.79 -1.34
N GLN A 225 1.67 -3.26 -1.61
CA GLN A 225 2.82 -3.41 -0.74
C GLN A 225 3.27 -2.01 -0.34
N TRP A 226 3.45 -1.77 0.97
CA TRP A 226 3.70 -0.43 1.48
C TRP A 226 4.85 -0.39 2.48
N THR A 227 5.65 0.66 2.38
CA THR A 227 6.73 0.90 3.33
C THR A 227 6.57 2.31 3.88
N PRO A 228 6.17 2.44 5.16
CA PRO A 228 5.93 3.77 5.74
C PRO A 228 7.19 4.58 5.99
N CYS A 229 8.34 3.93 6.09
CA CYS A 229 9.61 4.64 6.27
C CYS A 229 9.90 5.49 5.05
N GLY A 230 10.28 6.74 5.27
CA GLY A 230 10.54 7.67 4.18
C GLY A 230 10.85 9.06 4.71
N ARG A 231 10.21 10.07 4.13
CA ARG A 231 10.47 11.46 4.51
C ARG A 231 9.94 11.78 5.90
N LYS A 232 8.72 11.36 6.19
CA LYS A 232 8.04 11.72 7.44
C LYS A 232 8.39 10.80 8.60
N LEU A 233 8.76 9.56 8.30
CA LEU A 233 9.04 8.55 9.33
C LEU A 233 10.43 7.96 9.12
N THR A 234 11.27 8.04 10.14
CA THR A 234 12.62 7.46 10.09
C THR A 234 12.65 6.13 10.84
N CYS A 235 12.95 5.05 10.11
CA CYS A 235 13.13 3.74 10.71
C CYS A 235 14.60 3.34 10.59
N SER A 236 15.03 2.41 11.43
CA SER A 236 16.34 1.78 11.28
C SER A 236 16.16 0.46 10.55
N TYR A 237 17.21 0.01 9.85
CA TYR A 237 17.17 -1.25 9.13
C TYR A 237 16.77 -2.40 10.08
N PRO A 238 15.89 -3.32 9.67
CA PRO A 238 15.35 -3.40 8.32
C PRO A 238 14.07 -2.60 8.09
N GLY A 239 13.58 -1.90 9.11
CA GLY A 239 12.37 -1.09 8.99
C GLY A 239 11.12 -1.94 9.09
N ILE A 240 10.04 -1.40 8.53
CA ILE A 240 8.72 -2.01 8.60
C ILE A 240 8.13 -2.04 7.19
N ARG A 241 7.37 -3.09 6.90
CA ARG A 241 6.73 -3.22 5.60
C ARG A 241 5.37 -3.89 5.76
N LEU A 242 4.34 -3.26 5.20
CA LEU A 242 3.00 -3.82 5.23
C LEU A 242 2.63 -4.36 3.87
N ALA A 243 1.61 -5.20 3.84
CA ALA A 243 1.05 -5.71 2.60
C ALA A 243 -0.42 -6.03 2.80
N TYR A 244 -1.23 -5.75 1.79
CA TYR A 244 -2.64 -6.11 1.82
C TYR A 244 -3.05 -6.63 0.47
N GLY A 245 -4.04 -7.52 0.43
CA GLY A 245 -4.59 -7.98 -0.83
C GLY A 245 -5.59 -9.09 -0.70
N PRO A 246 -6.42 -9.29 -1.74
CA PRO A 246 -7.35 -10.41 -1.74
C PRO A 246 -6.61 -11.70 -2.05
N ASP A 247 -7.10 -12.79 -1.48
CA ASP A 247 -6.51 -14.10 -1.71
C ASP A 247 -7.58 -15.16 -1.51
N THR A 248 -7.22 -16.42 -1.79
CA THR A 248 -8.09 -17.56 -1.56
C THR A 248 -7.41 -18.47 -0.55
N TYR A 249 -8.12 -18.75 0.54
CA TYR A 249 -7.59 -19.53 1.65
C TYR A 249 -8.60 -20.62 1.97
N TYR A 250 -8.16 -21.88 1.90
CA TYR A 250 -9.05 -23.03 2.05
C TYR A 250 -10.28 -22.94 1.14
N GLY A 251 -10.10 -22.38 -0.05
CA GLY A 251 -11.17 -22.28 -1.04
C GLY A 251 -12.14 -21.13 -0.87
N HIS A 252 -11.92 -20.28 0.14
CA HIS A 252 -12.79 -19.13 0.42
C HIS A 252 -12.07 -17.84 0.08
N GLU A 253 -12.82 -16.82 -0.34
CA GLU A 253 -12.25 -15.48 -0.50
C GLU A 253 -11.87 -14.92 0.87
N VAL A 254 -10.65 -14.39 0.95
CA VAL A 254 -10.17 -13.74 2.16
C VAL A 254 -9.47 -12.44 1.77
N SER A 255 -9.21 -11.64 2.79
CA SER A 255 -8.45 -10.39 2.64
C SER A 255 -7.30 -10.43 3.63
N VAL A 256 -6.07 -10.47 3.11
CA VAL A 256 -4.90 -10.68 3.94
C VAL A 256 -4.21 -9.36 4.22
N LEU A 257 -4.17 -8.98 5.49
CA LEU A 257 -3.38 -7.83 5.92
C LEU A 257 -2.13 -8.38 6.58
N GLU A 258 -0.98 -7.77 6.28
CA GLU A 258 0.31 -8.34 6.69
C GLU A 258 1.27 -7.26 7.16
N VAL A 259 1.97 -7.53 8.26
CA VAL A 259 3.05 -6.66 8.73
C VAL A 259 4.31 -7.49 8.91
N ASP A 260 5.42 -6.94 8.42
CA ASP A 260 6.74 -7.53 8.66
C ASP A 260 7.58 -6.42 9.27
N GLY A 261 8.31 -6.74 10.34
CA GLY A 261 9.22 -5.79 10.97
C GLY A 261 8.93 -5.58 12.44
N GLN A 262 9.59 -4.58 13.02
CA GLN A 262 9.48 -4.29 14.44
C GLN A 262 9.26 -2.79 14.66
N PHE A 263 8.38 -2.46 15.60
CA PHE A 263 8.13 -1.08 15.98
C PHE A 263 9.11 -0.65 17.06
N GLU A 264 9.98 0.30 16.73
CA GLU A 264 10.97 0.80 17.67
C GLU A 264 10.35 1.76 18.69
N ASN A 265 9.30 2.49 18.30
CA ASN A 265 8.75 3.56 19.13
C ASN A 265 7.28 3.90 18.81
N LEU A 266 6.72 4.83 19.60
CA LEU A 266 5.37 5.34 19.40
C LEU A 266 5.07 5.79 17.98
N GLU A 267 5.85 6.74 17.49
CA GLU A 267 5.62 7.36 16.19
C GLU A 267 5.38 6.32 15.10
N GLU A 268 6.19 5.27 15.09
CA GLU A 268 6.05 4.19 14.12
C GLU A 268 4.70 3.47 14.24
N MET A 269 4.30 3.15 15.46
CA MET A 269 3.01 2.47 15.70
C MET A 269 1.81 3.29 15.24
N ILE A 270 1.79 4.56 15.62
CA ILE A 270 0.67 5.45 15.30
C ILE A 270 0.60 5.76 13.81
N TYR A 271 1.76 5.94 13.18
CA TYR A 271 1.83 6.19 11.74
C TYR A 271 1.17 5.04 10.98
N VAL A 272 1.47 3.81 11.40
CA VAL A 272 0.86 2.64 10.78
C VAL A 272 -0.64 2.57 11.08
N GLU A 273 -1.02 2.70 12.35
CA GLU A 273 -2.43 2.66 12.74
C GLU A 273 -3.27 3.68 11.96
N GLY A 274 -2.78 4.91 11.89
CA GLY A 274 -3.49 5.98 11.21
C GLY A 274 -3.80 5.73 9.74
N HIS A 275 -3.00 4.90 9.08
CA HIS A 275 -3.18 4.63 7.66
C HIS A 275 -3.93 3.33 7.35
N LEU A 276 -4.25 2.54 8.38
CA LEU A 276 -5.13 1.37 8.22
C LEU A 276 -6.59 1.81 8.16
N SER A 277 -7.42 1.03 7.49
CA SER A 277 -8.84 1.35 7.32
C SER A 277 -9.73 0.24 7.88
N LYS A 278 -10.88 0.62 8.42
CA LYS A 278 -11.82 -0.30 9.07
C LYS A 278 -11.13 -1.17 10.10
N THR A 279 -10.38 -0.53 10.99
CA THR A 279 -9.74 -1.20 12.11
C THR A 279 -10.71 -1.41 13.26
N ASP A 280 -11.88 -0.79 13.17
CA ASP A 280 -12.91 -0.85 14.23
C ASP A 280 -12.44 -0.29 15.57
N THR A 281 -11.50 0.65 15.51
CA THR A 281 -11.15 1.45 16.67
C THR A 281 -12.25 2.49 16.89
N GLN A 282 -12.50 2.82 18.15
CA GLN A 282 -13.51 3.81 18.50
C GLN A 282 -12.93 5.22 18.60
N TYR A 283 -11.60 5.32 18.57
CA TYR A 283 -10.92 6.61 18.46
C TYR A 283 -9.51 6.43 17.90
N TYR A 284 -8.94 7.52 17.39
CA TYR A 284 -7.62 7.47 16.77
C TYR A 284 -6.55 7.17 17.80
N GLY A 285 -5.81 6.08 17.59
CA GLY A 285 -4.71 5.70 18.46
C GLY A 285 -5.06 4.65 19.50
N GLU A 286 -6.21 3.99 19.35
CA GLU A 286 -6.66 3.00 20.34
C GLU A 286 -5.81 1.73 20.27
N LEU A 287 -5.46 1.30 19.07
CA LEU A 287 -4.59 0.14 18.90
C LEU A 287 -3.26 0.38 19.64
N THR A 288 -2.61 1.48 19.30
CA THR A 288 -1.34 1.86 19.93
C THR A 288 -1.49 1.95 21.45
N HIS A 289 -2.55 2.62 21.89
CA HIS A 289 -2.85 2.75 23.30
C HIS A 289 -3.00 1.40 24.00
N LEU A 290 -3.81 0.52 23.42
CA LEU A 290 -4.04 -0.82 23.95
C LEU A 290 -2.79 -1.68 23.86
N LEU A 291 -2.02 -1.50 22.80
CA LEU A 291 -0.81 -2.29 22.58
C LEU A 291 0.28 -1.92 23.59
N LEU A 292 0.40 -0.63 23.89
CA LEU A 292 1.37 -0.14 24.88
C LEU A 292 0.89 -0.25 26.33
N GLN A 293 -0.34 -0.73 26.52
CA GLN A 293 -0.88 -0.99 27.86
C GLN A 293 0.06 -1.91 28.63
N HIS A 294 0.45 -3.01 28.00
CA HIS A 294 1.35 -3.99 28.58
C HIS A 294 2.47 -4.28 27.57
N LYS A 295 3.56 -3.52 27.69
CA LYS A 295 4.70 -3.64 26.79
C LYS A 295 5.51 -4.90 27.07
N ASP A 296 5.39 -5.42 28.29
CA ASP A 296 6.08 -6.64 28.70
C ASP A 296 5.64 -7.92 27.97
N TYR A 297 4.41 -7.94 27.43
CA TYR A 297 3.94 -9.11 26.69
C TYR A 297 4.80 -9.37 25.47
N PRO A 298 4.98 -10.66 25.11
CA PRO A 298 5.67 -10.98 23.86
C PRO A 298 4.80 -10.59 22.67
N GLY A 299 5.43 -10.09 21.61
CA GLY A 299 4.70 -9.61 20.44
C GLY A 299 4.22 -8.17 20.60
N SER A 300 4.62 -7.54 21.70
CA SER A 300 4.20 -6.17 22.02
C SER A 300 4.68 -5.14 20.99
N ASN A 301 5.86 -5.37 20.42
CA ASN A 301 6.49 -4.42 19.50
C ASN A 301 6.51 -4.90 18.05
N ASN A 302 5.54 -5.75 17.68
CA ASN A 302 5.45 -6.24 16.30
C ASN A 302 4.01 -6.65 15.93
N GLY A 303 3.84 -7.22 14.74
CA GLY A 303 2.53 -7.54 14.21
C GLY A 303 1.70 -8.51 15.03
N THR A 304 2.37 -9.29 15.87
CA THR A 304 1.70 -10.26 16.73
C THR A 304 0.71 -9.56 17.63
N GLY A 305 1.21 -8.61 18.41
CA GLY A 305 0.37 -7.85 19.33
C GLY A 305 -0.63 -6.99 18.58
N LEU A 306 -0.15 -6.29 17.57
CA LEU A 306 -1.00 -5.42 16.75
C LEU A 306 -2.24 -6.15 16.28
N PHE A 307 -2.05 -7.33 15.70
CA PHE A 307 -3.17 -8.11 15.16
C PHE A 307 -3.99 -8.84 16.22
N GLN A 308 -3.38 -9.13 17.37
CA GLN A 308 -4.14 -9.67 18.48
C GLN A 308 -5.13 -8.62 18.97
N VAL A 309 -4.67 -7.38 19.09
CA VAL A 309 -5.51 -6.28 19.54
C VAL A 309 -6.59 -6.00 18.50
N LEU A 310 -6.18 -5.90 17.24
CA LEU A 310 -7.11 -5.65 16.14
C LEU A 310 -8.22 -6.70 16.09
N THR A 311 -7.84 -7.97 16.27
CA THR A 311 -8.81 -9.06 16.33
C THR A 311 -9.81 -8.85 17.47
N GLY A 312 -9.30 -8.44 18.61
CA GLY A 312 -10.14 -8.13 19.76
C GLY A 312 -11.20 -7.08 19.43
N LEU A 313 -10.80 -6.04 18.70
CA LEU A 313 -11.72 -4.98 18.31
C LEU A 313 -12.80 -5.51 17.38
N LYS A 314 -12.43 -6.43 16.50
CA LYS A 314 -13.39 -7.05 15.58
C LYS A 314 -14.41 -7.91 16.31
N MET A 315 -14.02 -8.47 17.45
CA MET A 315 -14.95 -9.18 18.33
C MET A 315 -15.89 -8.22 19.03
N ARG A 316 -15.35 -7.10 19.50
CA ARG A 316 -16.15 -6.08 20.15
C ARG A 316 -17.22 -5.59 19.18
N ALA A 317 -16.80 -5.30 17.95
CA ALA A 317 -17.72 -4.92 16.89
C ALA A 317 -18.83 -5.95 16.72
N ALA A 318 -18.45 -7.22 16.57
CA ALA A 318 -19.41 -8.32 16.42
C ALA A 318 -20.39 -8.38 17.59
N TYR A 319 -19.88 -8.20 18.81
CA TYR A 319 -20.70 -8.24 20.01
C TYR A 319 -21.73 -7.13 19.98
N GLU A 320 -21.26 -5.91 19.74
CA GLU A 320 -22.12 -4.72 19.78
C GLU A 320 -23.17 -4.75 18.66
N ARG A 321 -22.85 -5.42 17.56
CA ARG A 321 -23.81 -5.63 16.48
C ARG A 321 -24.93 -6.59 16.88
N LEU A 322 -24.56 -7.66 17.57
CA LEU A 322 -25.51 -8.71 17.96
C LEU A 322 -26.40 -8.33 19.12
N THR A 323 -25.91 -7.46 20.01
CA THR A 323 -26.65 -7.09 21.21
C THR A 323 -27.29 -5.70 21.16
N SER A 324 -26.88 -4.87 20.20
CA SER A 324 -27.29 -3.45 20.13
C SER A 324 -27.03 -2.78 21.48
N GLN A 325 -25.85 -3.04 22.02
CA GLN A 325 -25.48 -2.65 23.37
C GLN A 325 -23.96 -2.58 23.44
N ALA A 326 -23.42 -1.77 24.35
CA ALA A 326 -21.98 -1.62 24.51
C ALA A 326 -21.38 -2.92 25.05
N ALA A 327 -20.19 -3.25 24.58
CA ALA A 327 -19.48 -4.42 25.06
C ALA A 327 -18.90 -4.18 26.45
N PRO A 328 -18.69 -5.25 27.24
CA PRO A 328 -18.02 -5.11 28.54
C PRO A 328 -16.61 -4.51 28.43
N VAL A 329 -16.16 -3.89 29.52
CA VAL A 329 -14.86 -3.24 29.55
C VAL A 329 -14.15 -3.51 30.88
N ALA A 330 -12.82 -3.46 30.85
CA ALA A 330 -12.01 -3.67 32.05
C ALA A 330 -12.10 -2.46 32.98
N ALA A 331 -12.02 -2.72 34.28
CA ALA A 331 -12.16 -1.68 35.31
C ALA A 331 -10.86 -0.87 35.49
N SER A 332 -10.89 0.08 36.42
CA SER A 332 -9.71 0.83 36.81
C SER A 332 -9.68 1.02 38.33
N PRO B 4 -1.93 43.40 -13.35
CA PRO B 4 -0.98 43.18 -14.42
C PRO B 4 -1.30 41.95 -15.27
N ASP B 5 -1.48 42.15 -16.58
CA ASP B 5 -1.69 41.04 -17.52
C ASP B 5 -0.41 40.21 -17.62
N ARG B 6 -0.31 39.23 -16.72
CA ARG B 6 0.93 38.48 -16.54
C ARG B 6 1.13 37.40 -17.61
N VAL B 7 2.36 37.29 -18.10
CA VAL B 7 2.74 36.29 -19.10
C VAL B 7 3.45 35.11 -18.43
N VAL B 8 2.90 33.91 -18.61
CA VAL B 8 3.48 32.69 -18.01
C VAL B 8 4.31 31.94 -19.04
N LEU B 9 5.50 31.50 -18.62
CA LEU B 9 6.47 30.83 -19.50
C LEU B 9 6.66 29.36 -19.16
N ILE B 10 6.51 28.51 -20.18
CA ILE B 10 6.64 27.06 -20.02
C ILE B 10 7.73 26.54 -20.94
N GLY B 11 8.64 25.73 -20.39
CA GLY B 11 9.73 25.13 -21.16
C GLY B 11 9.51 23.64 -21.37
N VAL B 12 9.74 23.18 -22.60
CA VAL B 12 9.54 21.77 -22.95
C VAL B 12 10.77 21.23 -23.68
N ALA B 13 11.56 20.41 -23.00
CA ALA B 13 12.75 19.80 -23.56
C ALA B 13 12.46 18.43 -24.15
N GLY B 14 13.05 18.13 -25.31
CA GLY B 14 12.83 16.87 -26.01
C GLY B 14 11.89 17.02 -27.20
N SER B 21 5.74 16.61 -31.65
CA SER B 21 5.48 15.84 -30.44
C SER B 21 3.99 15.86 -30.11
N THR B 22 3.52 14.73 -29.58
CA THR B 22 2.13 14.59 -29.18
C THR B 22 1.83 15.38 -27.91
N PHE B 23 2.85 15.64 -27.11
CA PHE B 23 2.70 16.39 -25.86
C PHE B 23 2.16 17.80 -26.11
N LEU B 24 2.69 18.47 -27.13
CA LEU B 24 2.23 19.81 -27.47
C LEU B 24 0.82 19.80 -28.05
N ASN B 25 0.46 18.75 -28.77
CA ASN B 25 -0.91 18.57 -29.22
C ASN B 25 -1.86 18.44 -28.04
N ARG B 26 -1.43 17.69 -27.01
CA ARG B 26 -2.22 17.56 -25.78
C ARG B 26 -2.33 18.89 -25.03
N LEU B 27 -1.25 19.67 -25.01
CA LEU B 27 -1.29 21.01 -24.43
C LEU B 27 -2.25 21.92 -25.20
N ALA B 28 -2.22 21.82 -26.53
CA ALA B 28 -3.14 22.58 -27.37
C ALA B 28 -4.59 22.18 -27.11
N ASP B 29 -4.82 20.90 -26.84
CA ASP B 29 -6.16 20.41 -26.48
C ASP B 29 -6.62 21.02 -25.16
N LEU B 30 -5.69 21.18 -24.23
CA LEU B 30 -5.98 21.74 -22.92
C LEU B 30 -6.13 23.25 -22.94
N PHE B 31 -5.11 23.95 -23.43
CA PHE B 31 -5.07 25.41 -23.36
C PHE B 31 -5.58 26.11 -24.62
N GLY B 32 -5.83 25.36 -25.69
CA GLY B 32 -6.24 25.97 -26.96
C GLY B 32 -5.05 26.58 -27.69
N THR B 33 -5.30 27.15 -28.86
CA THR B 33 -4.25 27.78 -29.66
C THR B 33 -4.36 29.30 -29.76
N GLU B 34 -5.47 29.87 -29.24
CA GLU B 34 -5.69 31.32 -29.31
C GLU B 34 -4.83 32.06 -28.28
N LEU B 35 -4.87 31.61 -27.03
CA LEU B 35 -4.16 32.28 -25.93
C LEU B 35 -2.84 31.61 -25.56
N MET B 36 -2.40 30.64 -26.36
CA MET B 36 -1.08 30.03 -26.22
C MET B 36 -0.36 30.08 -27.55
N THR B 37 0.87 30.62 -27.54
CA THR B 37 1.75 30.56 -28.71
C THR B 37 2.94 29.68 -28.40
N VAL B 38 3.29 28.80 -29.33
CA VAL B 38 4.44 27.91 -29.18
C VAL B 38 5.61 28.48 -29.97
N ILE B 39 6.77 28.52 -29.34
CA ILE B 39 7.99 29.00 -29.98
C ILE B 39 8.98 27.85 -30.11
N CYS B 40 9.31 27.49 -31.35
CA CYS B 40 10.35 26.51 -31.63
C CYS B 40 11.72 27.16 -31.44
N LEU B 41 12.55 26.57 -30.58
CA LEU B 41 13.86 27.14 -30.24
C LEU B 41 14.94 26.96 -31.31
N ASP B 42 14.65 26.18 -32.35
CA ASP B 42 15.56 26.07 -33.50
C ASP B 42 15.68 27.41 -34.25
N ASP B 43 14.69 28.28 -34.04
CA ASP B 43 14.74 29.64 -34.58
C ASP B 43 15.91 30.47 -34.06
N TYR B 44 16.48 30.10 -32.92
CA TYR B 44 17.63 30.80 -32.36
C TYR B 44 18.96 30.10 -32.66
N HIS B 45 19.05 29.48 -33.84
CA HIS B 45 20.32 28.95 -34.33
C HIS B 45 21.20 30.13 -34.75
N SER B 46 22.42 30.17 -34.22
CA SER B 46 23.42 31.15 -34.65
C SER B 46 24.10 30.72 -35.96
N LEU B 47 24.01 29.42 -36.28
CA LEU B 47 24.61 28.88 -37.49
C LEU B 47 23.58 28.14 -38.33
N ASP B 48 23.47 28.51 -39.61
CA ASP B 48 22.65 27.77 -40.56
C ASP B 48 23.28 26.39 -40.86
N ARG B 49 22.56 25.56 -41.62
CA ARG B 49 22.99 24.19 -41.90
C ARG B 49 24.40 24.12 -42.50
N LYS B 50 24.70 25.01 -43.44
CA LYS B 50 26.02 25.07 -44.06
C LYS B 50 27.07 25.54 -43.05
N GLY B 51 26.70 26.53 -42.23
CA GLY B 51 27.56 27.04 -41.18
C GLY B 51 27.94 25.99 -40.14
N ARG B 52 26.99 25.13 -39.80
CA ARG B 52 27.24 24.01 -38.88
C ARG B 52 28.23 23.02 -39.47
N LYS B 53 28.06 22.69 -40.74
CA LYS B 53 28.97 21.80 -41.47
C LYS B 53 30.37 22.41 -41.47
N GLU B 54 30.45 23.66 -41.89
CA GLU B 54 31.69 24.45 -41.89
C GLU B 54 32.40 24.44 -40.52
N ALA B 55 31.63 24.63 -39.45
CA ALA B 55 32.18 24.66 -38.09
C ALA B 55 32.50 23.27 -37.55
N GLY B 56 31.84 22.24 -38.10
CA GLY B 56 32.03 20.87 -37.64
C GLY B 56 31.27 20.58 -36.36
N VAL B 57 30.06 21.14 -36.24
CA VAL B 57 29.21 20.94 -35.07
C VAL B 57 27.80 20.58 -35.52
N THR B 58 27.03 20.00 -34.59
CA THR B 58 25.64 19.65 -34.85
C THR B 58 24.72 20.69 -34.22
N ALA B 59 23.43 20.55 -34.44
CA ALA B 59 22.42 21.44 -33.86
C ALA B 59 22.38 21.32 -32.33
N LEU B 60 22.74 20.16 -31.83
CA LEU B 60 22.78 19.90 -30.38
C LEU B 60 23.88 20.69 -29.67
N ASP B 61 24.90 21.10 -30.40
CA ASP B 61 26.02 21.83 -29.82
C ASP B 61 25.58 23.25 -29.42
N PRO B 62 25.91 23.68 -28.19
CA PRO B 62 25.60 25.04 -27.74
C PRO B 62 26.08 26.13 -28.70
N ARG B 63 27.24 25.89 -29.31
CA ARG B 63 27.85 26.84 -30.25
C ARG B 63 27.03 27.08 -31.53
N ALA B 64 26.11 26.16 -31.84
CA ALA B 64 25.19 26.34 -32.96
C ALA B 64 23.97 27.19 -32.59
N ASN B 65 23.87 27.61 -31.33
CA ASN B 65 22.68 28.29 -30.83
C ASN B 65 23.00 29.62 -30.14
N ASN B 66 22.13 30.61 -30.35
CA ASN B 66 22.28 31.93 -29.77
C ASN B 66 21.43 32.09 -28.53
N PHE B 67 22.03 31.85 -27.37
CA PHE B 67 21.32 31.92 -26.09
C PHE B 67 21.15 33.35 -25.56
N ASP B 68 22.01 34.25 -26.01
CA ASP B 68 21.91 35.66 -25.61
C ASP B 68 20.63 36.28 -26.19
N LEU B 69 20.44 36.12 -27.50
CA LEU B 69 19.22 36.58 -28.19
C LEU B 69 17.99 35.89 -27.63
N MET B 70 18.12 34.59 -27.36
CA MET B 70 17.03 33.80 -26.79
C MET B 70 16.56 34.42 -25.48
N TYR B 71 17.50 34.60 -24.54
CA TYR B 71 17.21 35.20 -23.25
C TYR B 71 16.53 36.56 -23.38
N GLU B 72 17.07 37.43 -24.24
CA GLU B 72 16.56 38.79 -24.40
C GLU B 72 15.11 38.81 -24.92
N GLN B 73 14.84 38.04 -25.97
CA GLN B 73 13.52 38.02 -26.58
C GLN B 73 12.47 37.33 -25.71
N VAL B 74 12.89 36.31 -24.96
CA VAL B 74 12.00 35.63 -24.02
C VAL B 74 11.71 36.54 -22.82
N LYS B 75 12.75 37.20 -22.33
CA LYS B 75 12.63 38.22 -21.27
C LYS B 75 11.70 39.35 -21.72
N ALA B 76 11.87 39.80 -22.95
CA ALA B 76 11.03 40.85 -23.52
C ALA B 76 9.56 40.42 -23.62
N LEU B 77 9.33 39.17 -24.02
CA LEU B 77 7.97 38.63 -24.11
C LEU B 77 7.28 38.57 -22.75
N LYS B 78 8.03 38.16 -21.73
CA LYS B 78 7.48 38.07 -20.38
C LYS B 78 7.22 39.46 -19.80
N ASN B 79 7.96 40.45 -20.31
CA ASN B 79 7.79 41.85 -19.93
C ASN B 79 6.73 42.59 -20.76
N GLY B 80 5.98 41.86 -21.60
CA GLY B 80 4.88 42.44 -22.37
C GLY B 80 5.25 43.09 -23.70
N GLU B 81 6.51 42.97 -24.11
CA GLU B 81 6.96 43.57 -25.37
C GLU B 81 6.77 42.62 -26.55
N THR B 82 6.48 43.19 -27.71
CA THR B 82 6.48 42.45 -28.97
C THR B 82 7.93 42.25 -29.40
N ILE B 83 8.20 41.14 -30.08
CA ILE B 83 9.55 40.85 -30.56
C ILE B 83 9.56 40.53 -32.05
N MET B 84 10.74 40.71 -32.65
CA MET B 84 10.98 40.32 -34.04
C MET B 84 11.95 39.14 -34.03
N LYS B 85 11.41 37.93 -33.88
CA LYS B 85 12.24 36.73 -33.77
C LYS B 85 12.51 36.08 -35.12
N PRO B 86 13.73 35.55 -35.31
CA PRO B 86 14.08 34.89 -36.57
C PRO B 86 13.31 33.60 -36.81
N ILE B 87 13.26 33.19 -38.08
CA ILE B 87 12.61 31.95 -38.49
C ILE B 87 13.66 31.05 -39.11
N TYR B 88 13.90 29.88 -38.52
CA TYR B 88 14.81 28.90 -39.11
C TYR B 88 14.05 27.92 -39.99
N ASN B 89 14.24 28.03 -41.30
CA ASN B 89 13.62 27.12 -42.26
C ASN B 89 14.34 25.76 -42.26
N HIS B 90 13.62 24.72 -41.85
CA HIS B 90 14.21 23.38 -41.76
C HIS B 90 14.41 22.73 -43.13
N GLU B 91 13.61 23.14 -44.12
CA GLU B 91 13.69 22.57 -45.46
C GLU B 91 14.94 23.05 -46.20
N THR B 92 15.10 24.37 -46.28
CA THR B 92 16.26 24.97 -46.95
C THR B 92 17.49 25.01 -46.04
N GLY B 93 17.28 24.94 -44.74
CA GLY B 93 18.38 25.03 -43.77
C GLY B 93 18.92 26.45 -43.66
N LEU B 94 18.07 27.43 -43.93
CA LEU B 94 18.46 28.84 -43.87
C LEU B 94 17.72 29.56 -42.76
N ILE B 95 18.23 30.72 -42.39
CA ILE B 95 17.58 31.60 -41.42
C ILE B 95 16.86 32.71 -42.18
N ASP B 96 15.53 32.68 -42.13
CA ASP B 96 14.68 33.63 -42.85
C ASP B 96 14.49 34.91 -42.05
N PRO B 97 13.94 35.98 -42.70
CA PRO B 97 13.63 37.23 -42.02
C PRO B 97 12.76 37.06 -40.78
N PRO B 98 12.94 37.93 -39.77
CA PRO B 98 12.19 37.90 -38.52
C PRO B 98 10.66 37.81 -38.64
N GLU B 99 10.05 37.26 -37.60
CA GLU B 99 8.60 37.13 -37.48
C GLU B 99 8.16 38.03 -36.33
N LYS B 100 7.00 38.64 -36.45
CA LYS B 100 6.45 39.45 -35.37
C LYS B 100 5.68 38.54 -34.41
N ILE B 101 6.13 38.49 -33.16
CA ILE B 101 5.45 37.70 -32.13
C ILE B 101 5.05 38.61 -30.98
N GLU B 102 3.75 38.69 -30.72
CA GLU B 102 3.22 39.45 -29.59
C GLU B 102 3.16 38.58 -28.34
N PRO B 103 3.09 39.21 -27.15
CA PRO B 103 2.96 38.42 -25.92
C PRO B 103 1.62 37.70 -25.85
N ASN B 104 1.54 36.69 -25.00
CA ASN B 104 0.30 35.95 -24.79
C ASN B 104 0.20 35.45 -23.36
N ARG B 105 -0.98 34.99 -22.98
CA ARG B 105 -1.23 34.48 -21.62
C ARG B 105 -0.20 33.41 -21.27
N ILE B 106 -0.05 32.44 -22.17
CA ILE B 106 0.96 31.39 -22.05
C ILE B 106 1.93 31.45 -23.23
N ILE B 107 3.22 31.36 -22.93
CA ILE B 107 4.25 31.19 -23.95
C ILE B 107 4.96 29.87 -23.66
N VAL B 108 4.94 28.96 -24.63
CA VAL B 108 5.68 27.71 -24.54
C VAL B 108 6.92 27.81 -25.42
N ILE B 109 8.09 27.60 -24.83
CA ILE B 109 9.32 27.45 -25.61
C ILE B 109 9.69 25.98 -25.70
N GLU B 110 9.80 25.49 -26.93
CA GLU B 110 10.00 24.07 -27.23
C GLU B 110 11.31 23.91 -27.97
N GLY B 111 12.04 22.85 -27.67
CA GLY B 111 13.24 22.50 -28.44
C GLY B 111 14.22 21.66 -27.66
N LEU B 112 15.47 21.74 -28.08
CA LEU B 112 16.53 20.93 -27.49
C LEU B 112 17.17 21.58 -26.25
N HIS B 113 17.22 22.92 -26.20
CA HIS B 113 17.94 23.63 -25.15
C HIS B 113 17.14 24.66 -24.36
N PRO B 114 15.86 24.38 -24.06
CA PRO B 114 15.13 25.38 -23.25
C PRO B 114 15.67 25.53 -21.81
N LEU B 115 16.31 24.50 -21.27
CA LEU B 115 16.82 24.52 -19.89
C LEU B 115 18.35 24.59 -19.81
N TYR B 116 19.01 24.86 -20.94
CA TYR B 116 20.47 24.84 -20.98
C TYR B 116 21.08 26.08 -20.34
N ASP B 117 20.57 27.27 -20.68
CA ASP B 117 21.12 28.52 -20.16
C ASP B 117 20.53 28.85 -18.79
N GLU B 118 21.41 29.27 -17.88
CA GLU B 118 21.03 29.67 -16.52
C GLU B 118 20.01 30.81 -16.50
N ARG B 119 20.23 31.80 -17.36
CA ARG B 119 19.37 32.99 -17.40
C ARG B 119 17.96 32.68 -17.89
N VAL B 120 17.84 31.78 -18.87
CA VAL B 120 16.55 31.38 -19.40
C VAL B 120 15.77 30.51 -18.41
N ARG B 121 16.46 29.64 -17.69
CA ARG B 121 15.85 28.82 -16.62
C ARG B 121 15.07 29.66 -15.62
N GLU B 122 15.66 30.77 -15.18
CA GLU B 122 15.06 31.61 -14.15
C GLU B 122 13.79 32.34 -14.63
N LEU B 123 13.65 32.51 -15.95
CA LEU B 123 12.44 33.09 -16.53
C LEU B 123 11.28 32.09 -16.62
N LEU B 124 11.59 30.79 -16.60
CA LEU B 124 10.56 29.76 -16.74
C LEU B 124 9.76 29.59 -15.45
N ASP B 125 8.47 29.36 -15.61
CA ASP B 125 7.56 29.14 -14.49
C ASP B 125 7.25 27.66 -14.29
N PHE B 126 7.33 26.89 -15.38
CA PHE B 126 7.23 25.44 -15.32
C PHE B 126 8.08 24.85 -16.43
N SER B 127 8.56 23.62 -16.24
CA SER B 127 9.40 22.97 -17.25
C SER B 127 9.26 21.44 -17.28
N VAL B 128 9.40 20.87 -18.47
CA VAL B 128 9.26 19.43 -18.69
C VAL B 128 10.35 18.89 -19.59
N TYR B 129 10.93 17.77 -19.20
CA TYR B 129 11.85 17.03 -20.06
C TYR B 129 11.22 15.70 -20.44
N LEU B 130 11.15 15.43 -21.74
CA LEU B 130 10.58 14.17 -22.24
C LEU B 130 11.69 13.17 -22.62
N ASP B 131 11.84 12.12 -21.81
CA ASP B 131 12.85 11.09 -22.01
C ASP B 131 12.20 9.79 -22.49
N ILE B 132 12.09 9.63 -23.81
CA ILE B 132 11.49 8.44 -24.42
C ILE B 132 12.52 7.33 -24.55
N GLU B 161 22.25 6.80 -32.79
CA GLU B 161 23.62 6.34 -32.54
C GLU B 161 24.65 7.45 -32.68
N ALA B 162 24.56 8.21 -33.77
CA ALA B 162 25.49 9.29 -34.05
C ALA B 162 25.32 10.47 -33.10
N ARG B 163 24.10 10.70 -32.63
CA ARG B 163 23.81 11.83 -31.75
C ARG B 163 24.27 11.64 -30.30
N ARG B 164 24.56 10.41 -29.90
CA ARG B 164 24.79 10.09 -28.48
C ARG B 164 25.80 11.01 -27.76
N PRO B 165 26.99 11.21 -28.35
CA PRO B 165 27.97 12.07 -27.68
C PRO B 165 27.42 13.46 -27.32
N ASP B 166 26.90 14.17 -28.32
CA ASP B 166 26.34 15.51 -28.10
C ASP B 166 25.06 15.49 -27.29
N PHE B 167 24.29 14.41 -27.42
CA PHE B 167 23.04 14.25 -26.67
C PHE B 167 23.33 14.13 -25.17
N LYS B 168 24.30 13.26 -24.83
CA LYS B 168 24.74 13.08 -23.45
C LYS B 168 25.47 14.31 -22.90
N ALA B 169 26.18 15.02 -23.78
CA ALA B 169 26.98 16.17 -23.36
C ALA B 169 26.12 17.39 -23.04
N TYR B 170 25.13 17.67 -23.88
CA TYR B 170 24.41 18.94 -23.83
C TYR B 170 22.89 18.86 -23.62
N ILE B 171 22.28 17.70 -23.89
CA ILE B 171 20.82 17.58 -23.83
C ILE B 171 20.36 16.95 -22.52
N GLU B 172 20.88 15.78 -22.19
CA GLU B 172 20.40 15.00 -21.04
C GLU B 172 20.53 15.68 -19.67
N PRO B 173 21.62 16.42 -19.44
CA PRO B 173 21.77 17.09 -18.14
C PRO B 173 20.66 18.10 -17.80
N GLN B 174 19.88 18.53 -18.81
CA GLN B 174 18.70 19.36 -18.55
C GLN B 174 17.61 18.65 -17.74
N ARG B 175 17.70 17.32 -17.64
CA ARG B 175 16.80 16.55 -16.77
C ARG B 175 16.95 16.93 -15.30
N GLY B 176 18.16 17.34 -14.91
CA GLY B 176 18.42 17.77 -13.54
C GLY B 176 17.78 19.09 -13.16
N HIS B 177 17.36 19.88 -14.15
CA HIS B 177 16.71 21.18 -13.91
C HIS B 177 15.20 21.19 -14.20
N ALA B 178 14.67 20.10 -14.76
CA ALA B 178 13.25 20.06 -15.13
C ALA B 178 12.39 19.76 -13.91
N ASP B 179 11.26 20.45 -13.82
CA ASP B 179 10.31 20.23 -12.72
C ASP B 179 9.74 18.82 -12.80
N ILE B 180 9.33 18.44 -14.00
CA ILE B 180 8.83 17.10 -14.25
C ILE B 180 9.65 16.45 -15.35
N VAL B 181 9.96 15.17 -15.18
CA VAL B 181 10.60 14.39 -16.22
C VAL B 181 9.76 13.15 -16.47
N ILE B 182 9.24 13.02 -17.69
CA ILE B 182 8.49 11.83 -18.08
C ILE B 182 9.48 10.85 -18.71
N ARG B 183 9.70 9.72 -18.04
CA ARG B 183 10.71 8.74 -18.45
C ARG B 183 10.07 7.42 -18.90
N VAL B 184 10.26 7.07 -20.17
CA VAL B 184 9.67 5.86 -20.75
C VAL B 184 10.74 4.77 -20.91
N MET B 185 10.32 3.52 -20.74
CA MET B 185 11.25 2.37 -20.78
C MET B 185 10.48 1.04 -20.84
N PRO B 186 11.19 -0.08 -21.12
CA PRO B 186 10.46 -1.34 -21.31
C PRO B 186 9.88 -1.90 -20.01
N THR B 187 8.86 -2.74 -20.15
CA THR B 187 8.09 -3.26 -19.02
C THR B 187 8.86 -4.25 -18.15
N GLN B 188 8.43 -4.36 -16.90
CA GLN B 188 8.90 -5.38 -15.96
C GLN B 188 7.78 -6.38 -15.61
N LEU B 189 6.68 -6.34 -16.37
CA LEU B 189 5.56 -7.23 -16.14
C LEU B 189 5.64 -8.51 -16.95
N ILE B 190 6.38 -8.48 -18.05
CA ILE B 190 6.49 -9.64 -18.92
C ILE B 190 7.92 -10.14 -18.87
N PRO B 191 8.11 -11.40 -18.45
CA PRO B 191 9.43 -11.99 -18.52
C PRO B 191 9.85 -12.15 -19.97
N ASN B 192 11.11 -11.91 -20.27
CA ASN B 192 11.64 -12.04 -21.61
C ASN B 192 10.76 -11.39 -22.69
N ASP B 193 10.47 -10.11 -22.48
CA ASP B 193 9.70 -9.28 -23.41
C ASP B 193 10.30 -9.24 -24.82
N THR B 194 9.51 -9.67 -25.80
CA THR B 194 9.89 -9.67 -27.22
C THR B 194 9.09 -8.67 -28.07
N GLU B 195 7.81 -8.49 -27.76
CA GLU B 195 6.94 -7.54 -28.47
C GLU B 195 7.43 -6.10 -28.34
N ARG B 196 7.94 -5.76 -27.16
CA ARG B 196 8.41 -4.40 -26.83
C ARG B 196 7.27 -3.37 -26.85
N LYS B 197 6.04 -3.83 -26.63
CA LYS B 197 4.85 -2.98 -26.74
C LYS B 197 4.45 -2.34 -25.42
N VAL B 198 4.36 -3.18 -24.38
CA VAL B 198 3.96 -2.72 -23.06
C VAL B 198 5.08 -1.88 -22.45
N LEU B 199 4.71 -0.74 -21.87
CA LEU B 199 5.69 0.24 -21.41
C LEU B 199 5.63 0.47 -19.91
N ARG B 200 6.77 0.86 -19.36
CA ARG B 200 6.89 1.28 -17.98
C ARG B 200 7.30 2.76 -17.98
N VAL B 201 6.46 3.62 -17.41
CA VAL B 201 6.67 5.06 -17.48
C VAL B 201 6.81 5.65 -16.09
N GLN B 202 7.71 6.61 -15.96
CA GLN B 202 7.96 7.28 -14.68
C GLN B 202 7.74 8.79 -14.77
N LEU B 203 6.96 9.31 -13.84
CA LEU B 203 6.77 10.74 -13.68
C LEU B 203 7.64 11.19 -12.53
N ILE B 204 8.83 11.68 -12.85
CA ILE B 204 9.80 12.11 -11.85
C ILE B 204 9.58 13.59 -11.53
N GLN B 205 9.00 13.86 -10.36
CA GLN B 205 8.57 15.19 -9.98
C GLN B 205 9.53 15.80 -8.98
N ARG B 206 9.97 17.03 -9.27
CA ARG B 206 10.95 17.73 -8.44
C ARG B 206 10.29 18.32 -7.20
N GLU B 207 10.89 18.08 -6.03
CA GLU B 207 10.37 18.62 -4.77
C GLU B 207 10.90 20.02 -4.50
N GLY B 208 10.20 20.76 -3.65
CA GLY B 208 10.64 22.09 -3.21
C GLY B 208 10.39 23.22 -4.17
N ARG B 209 9.75 22.95 -5.30
CA ARG B 209 9.39 23.98 -6.26
C ARG B 209 8.06 24.59 -5.81
N ASP B 210 8.13 25.72 -5.11
CA ASP B 210 6.91 26.35 -4.59
C ASP B 210 5.91 26.62 -5.71
N GLY B 211 4.65 26.30 -5.46
CA GLY B 211 3.60 26.36 -6.47
C GLY B 211 3.60 25.16 -7.39
N PHE B 212 4.00 24.01 -6.84
CA PHE B 212 3.95 22.74 -7.55
C PHE B 212 3.97 21.62 -6.52
N GLU B 213 2.80 21.05 -6.26
CA GLU B 213 2.68 19.91 -5.35
C GLU B 213 2.67 18.63 -6.19
N PRO B 214 3.69 17.76 -6.00
CA PRO B 214 3.72 16.51 -6.74
C PRO B 214 2.51 15.61 -6.48
N ALA B 215 2.08 14.92 -7.54
CA ALA B 215 1.06 13.88 -7.42
C ALA B 215 1.69 12.69 -6.73
N TYR B 216 0.90 11.97 -5.96
CA TYR B 216 1.36 10.80 -5.25
C TYR B 216 0.28 9.74 -5.20
N LEU B 217 0.62 8.60 -4.61
CA LEU B 217 -0.30 7.50 -4.47
C LEU B 217 -0.33 7.08 -3.00
N PHE B 218 -1.52 7.17 -2.41
CA PHE B 218 -1.77 6.72 -1.03
C PHE B 218 -1.16 7.63 0.03
N ASP B 219 0.16 7.57 0.22
CA ASP B 219 0.83 8.32 1.29
C ASP B 219 2.06 9.03 0.74
N GLU B 220 2.04 10.36 0.84
CA GLU B 220 3.13 11.20 0.36
C GLU B 220 4.41 10.94 1.16
N GLY B 221 5.52 10.81 0.46
CA GLY B 221 6.82 10.64 1.10
C GLY B 221 7.16 9.23 1.55
N SER B 222 6.31 8.26 1.21
CA SER B 222 6.57 6.86 1.55
C SER B 222 6.50 6.03 0.27
N THR B 223 7.05 4.82 0.33
CA THR B 223 7.19 3.98 -0.86
C THR B 223 6.09 2.94 -0.94
N ILE B 224 5.48 2.80 -2.11
CA ILE B 224 4.36 1.90 -2.31
C ILE B 224 4.38 1.26 -3.70
N GLN B 225 3.99 -0.02 -3.76
CA GLN B 225 3.75 -0.72 -5.01
C GLN B 225 2.31 -1.21 -4.98
N TRP B 226 1.56 -0.93 -6.05
CA TRP B 226 0.11 -1.19 -6.07
C TRP B 226 -0.35 -1.86 -7.36
N THR B 227 -1.28 -2.80 -7.22
CA THR B 227 -1.90 -3.48 -8.34
C THR B 227 -3.41 -3.36 -8.21
N PRO B 228 -4.05 -2.56 -9.08
CA PRO B 228 -5.49 -2.33 -8.97
C PRO B 228 -6.35 -3.51 -9.38
N CYS B 229 -5.80 -4.43 -10.18
CA CYS B 229 -6.53 -5.63 -10.57
C CYS B 229 -6.82 -6.47 -9.33
N GLY B 230 -8.06 -6.92 -9.20
CA GLY B 230 -8.48 -7.70 -8.04
C GLY B 230 -9.96 -8.01 -8.08
N ARG B 231 -10.64 -7.79 -6.96
CA ARG B 231 -12.07 -8.10 -6.86
C ARG B 231 -12.93 -7.18 -7.70
N LYS B 232 -12.66 -5.87 -7.62
CA LYS B 232 -13.48 -4.87 -8.27
C LYS B 232 -13.11 -4.60 -9.72
N LEU B 233 -11.85 -4.87 -10.08
CA LEU B 233 -11.35 -4.60 -11.42
C LEU B 233 -10.73 -5.86 -12.03
N THR B 234 -11.22 -6.25 -13.21
CA THR B 234 -10.70 -7.41 -13.93
C THR B 234 -9.80 -6.94 -15.06
N CYS B 235 -8.52 -7.29 -14.99
CA CYS B 235 -7.57 -6.99 -16.07
C CYS B 235 -7.21 -8.28 -16.81
N SER B 236 -6.73 -8.11 -18.05
CA SER B 236 -6.13 -9.22 -18.79
C SER B 236 -4.62 -9.15 -18.62
N TYR B 237 -3.97 -10.31 -18.72
CA TYR B 237 -2.52 -10.40 -18.56
C TYR B 237 -1.82 -9.45 -19.53
N PRO B 238 -0.79 -8.74 -19.09
CA PRO B 238 -0.20 -8.83 -17.74
C PRO B 238 -0.81 -7.89 -16.71
N GLY B 239 -1.82 -7.12 -17.10
CA GLY B 239 -2.48 -6.20 -16.17
C GLY B 239 -1.72 -4.90 -16.03
N ILE B 240 -1.96 -4.22 -14.91
CA ILE B 240 -1.40 -2.89 -14.65
C ILE B 240 -0.81 -2.87 -13.25
N ARG B 241 0.28 -2.11 -13.07
CA ARG B 241 0.93 -1.99 -11.78
C ARG B 241 1.49 -0.58 -11.61
N LEU B 242 1.16 0.06 -10.49
CA LEU B 242 1.68 1.38 -10.19
C LEU B 242 2.74 1.30 -9.12
N ALA B 243 3.52 2.36 -9.02
CA ALA B 243 4.50 2.49 -7.94
C ALA B 243 4.74 3.96 -7.65
N TYR B 244 4.90 4.29 -6.37
CA TYR B 244 5.23 5.65 -5.97
C TYR B 244 6.29 5.60 -4.88
N GLY B 245 7.11 6.63 -4.79
CA GLY B 245 8.07 6.74 -3.70
C GLY B 245 9.04 7.90 -3.84
N PRO B 246 9.65 8.31 -2.73
CA PRO B 246 10.68 9.33 -2.77
C PRO B 246 11.98 8.75 -3.32
N ASP B 247 12.75 9.58 -4.01
CA ASP B 247 14.03 9.16 -4.58
C ASP B 247 14.94 10.39 -4.74
N THR B 248 16.18 10.15 -5.16
CA THR B 248 17.13 11.23 -5.47
C THR B 248 17.50 11.15 -6.94
N TYR B 249 17.31 12.26 -7.65
CA TYR B 249 17.55 12.35 -9.09
C TYR B 249 18.39 13.58 -9.38
N TYR B 250 19.56 13.38 -9.99
CA TYR B 250 20.54 14.46 -10.19
C TYR B 250 20.86 15.20 -8.89
N GLY B 251 20.87 14.47 -7.77
CA GLY B 251 21.19 15.05 -6.47
C GLY B 251 20.07 15.79 -5.75
N HIS B 252 18.89 15.84 -6.36
CA HIS B 252 17.73 16.54 -5.77
C HIS B 252 16.71 15.53 -5.27
N GLU B 253 15.98 15.88 -4.22
CA GLU B 253 14.83 15.08 -3.80
C GLU B 253 13.74 15.16 -4.85
N VAL B 254 13.21 13.99 -5.22
CA VAL B 254 12.11 13.89 -6.16
C VAL B 254 11.08 12.90 -5.63
N SER B 255 9.91 12.91 -6.25
CA SER B 255 8.85 11.96 -5.96
C SER B 255 8.46 11.30 -7.26
N VAL B 256 8.70 9.99 -7.34
CA VAL B 256 8.52 9.26 -8.59
C VAL B 256 7.20 8.50 -8.58
N LEU B 257 6.32 8.87 -9.50
CA LEU B 257 5.09 8.12 -9.73
C LEU B 257 5.31 7.30 -10.99
N GLU B 258 4.88 6.06 -10.98
CA GLU B 258 5.22 5.12 -12.05
C GLU B 258 4.05 4.24 -12.42
N VAL B 259 3.84 4.04 -13.72
CA VAL B 259 2.85 3.10 -14.22
C VAL B 259 3.51 2.14 -15.18
N ASP B 260 3.21 0.85 -15.02
CA ASP B 260 3.62 -0.18 -15.95
C ASP B 260 2.38 -0.92 -16.39
N GLY B 261 2.24 -1.13 -17.70
CA GLY B 261 1.10 -1.87 -18.25
C GLY B 261 0.34 -1.08 -19.30
N GLN B 262 -0.81 -1.61 -19.68
CA GLN B 262 -1.66 -1.04 -20.71
C GLN B 262 -3.12 -1.01 -20.26
N PHE B 263 -3.80 0.09 -20.55
CA PHE B 263 -5.22 0.24 -20.25
C PHE B 263 -6.07 -0.33 -21.39
N GLU B 264 -6.80 -1.40 -21.10
CA GLU B 264 -7.66 -2.02 -22.10
C GLU B 264 -8.95 -1.22 -22.34
N ASN B 265 -9.45 -0.55 -21.30
CA ASN B 265 -10.77 0.08 -21.36
C ASN B 265 -10.95 1.24 -20.36
N LEU B 266 -12.11 1.87 -20.44
CA LEU B 266 -12.51 2.96 -19.51
C LEU B 266 -12.32 2.62 -18.05
N GLU B 267 -13.00 1.57 -17.60
CA GLU B 267 -13.04 1.21 -16.20
C GLU B 267 -11.63 1.20 -15.59
N GLU B 268 -10.67 0.63 -16.30
CA GLU B 268 -9.28 0.58 -15.84
C GLU B 268 -8.67 1.98 -15.65
N MET B 269 -8.88 2.85 -16.63
CA MET B 269 -8.35 4.22 -16.56
C MET B 269 -8.91 5.01 -15.38
N ILE B 270 -10.23 4.95 -15.20
CA ILE B 270 -10.90 5.71 -14.14
C ILE B 270 -10.56 5.18 -12.76
N TYR B 271 -10.47 3.86 -12.64
CA TYR B 271 -10.11 3.23 -11.38
C TYR B 271 -8.74 3.72 -10.90
N VAL B 272 -7.80 3.81 -11.83
CA VAL B 272 -6.47 4.33 -11.52
C VAL B 272 -6.52 5.80 -11.18
N GLU B 273 -7.16 6.60 -12.02
CA GLU B 273 -7.29 8.03 -11.77
C GLU B 273 -7.88 8.34 -10.41
N GLY B 274 -8.98 7.66 -10.08
CA GLY B 274 -9.68 7.88 -8.81
C GLY B 274 -8.84 7.68 -7.57
N HIS B 275 -7.80 6.84 -7.66
CA HIS B 275 -6.98 6.52 -6.50
C HIS B 275 -5.67 7.31 -6.41
N LEU B 276 -5.38 8.11 -7.44
CA LEU B 276 -4.25 9.04 -7.39
C LEU B 276 -4.62 10.27 -6.58
N SER B 277 -3.62 10.91 -5.98
CA SER B 277 -3.84 12.08 -5.12
C SER B 277 -3.05 13.28 -5.64
N LYS B 278 -3.63 14.47 -5.47
CA LYS B 278 -3.06 15.72 -5.97
C LYS B 278 -2.70 15.62 -7.46
N THR B 279 -3.67 15.15 -8.24
CA THR B 279 -3.52 15.07 -9.69
C THR B 279 -3.82 16.42 -10.33
N ASP B 280 -4.36 17.35 -9.53
CA ASP B 280 -4.76 18.67 -9.98
C ASP B 280 -5.84 18.64 -11.07
N THR B 281 -6.68 17.61 -11.04
CA THR B 281 -7.89 17.58 -11.86
C THR B 281 -8.93 18.46 -11.18
N GLN B 282 -9.76 19.11 -11.99
CA GLN B 282 -10.81 19.99 -11.48
C GLN B 282 -12.13 19.25 -11.29
N TYR B 283 -12.20 18.02 -11.77
CA TYR B 283 -13.32 17.13 -11.49
C TYR B 283 -12.90 15.68 -11.68
N TYR B 284 -13.67 14.78 -11.08
CA TYR B 284 -13.37 13.35 -11.13
C TYR B 284 -13.53 12.82 -12.55
N GLY B 285 -12.45 12.27 -13.09
CA GLY B 285 -12.46 11.66 -14.42
C GLY B 285 -11.95 12.56 -15.54
N GLU B 286 -11.29 13.65 -15.19
CA GLU B 286 -10.79 14.59 -16.20
C GLU B 286 -9.61 14.03 -16.97
N LEU B 287 -8.70 13.33 -16.29
CA LEU B 287 -7.57 12.68 -16.97
C LEU B 287 -8.10 11.71 -18.01
N THR B 288 -8.96 10.80 -17.59
CA THR B 288 -9.55 9.83 -18.50
C THR B 288 -10.28 10.51 -19.66
N HIS B 289 -11.08 11.52 -19.33
CA HIS B 289 -11.80 12.29 -20.33
C HIS B 289 -10.85 12.91 -21.36
N LEU B 290 -9.82 13.58 -20.86
CA LEU B 290 -8.81 14.22 -21.72
C LEU B 290 -7.98 13.21 -22.50
N LEU B 291 -7.70 12.07 -21.86
CA LEU B 291 -6.89 11.02 -22.49
C LEU B 291 -7.64 10.34 -23.62
N LEU B 292 -8.95 10.12 -23.44
CA LEU B 292 -9.79 9.51 -24.48
C LEU B 292 -10.29 10.52 -25.52
N GLN B 293 -9.96 11.79 -25.35
CA GLN B 293 -10.29 12.82 -26.34
C GLN B 293 -9.78 12.40 -27.71
N HIS B 294 -8.51 12.01 -27.75
CA HIS B 294 -7.87 11.57 -28.98
C HIS B 294 -7.17 10.23 -28.73
N LYS B 295 -7.90 9.16 -28.99
CA LYS B 295 -7.40 7.80 -28.77
C LYS B 295 -6.36 7.39 -29.80
N ASP B 296 -6.40 8.03 -30.96
CA ASP B 296 -5.46 7.77 -32.06
C ASP B 296 -4.01 8.14 -31.75
N TYR B 297 -3.77 9.05 -30.80
CA TYR B 297 -2.40 9.43 -30.44
C TYR B 297 -1.63 8.23 -29.89
N PRO B 298 -0.31 8.17 -30.15
CA PRO B 298 0.52 7.15 -29.51
C PRO B 298 0.67 7.42 -28.01
N GLY B 299 0.68 6.36 -27.22
CA GLY B 299 0.70 6.48 -25.76
C GLY B 299 -0.67 6.72 -25.15
N SER B 300 -1.71 6.65 -25.98
CA SER B 300 -3.09 6.91 -25.56
C SER B 300 -3.59 5.91 -24.53
N ASN B 301 -3.13 4.66 -24.63
CA ASN B 301 -3.61 3.58 -23.76
C ASN B 301 -2.57 3.11 -22.74
N ASN B 302 -1.65 3.99 -22.36
CA ASN B 302 -0.63 3.65 -21.36
C ASN B 302 -0.11 4.89 -20.63
N GLY B 303 0.89 4.68 -19.77
CA GLY B 303 1.40 5.74 -18.91
C GLY B 303 1.97 6.96 -19.62
N THR B 304 2.34 6.80 -20.89
CA THR B 304 2.84 7.91 -21.69
C THR B 304 1.82 9.03 -21.77
N GLY B 305 0.62 8.71 -22.26
CA GLY B 305 -0.45 9.69 -22.39
C GLY B 305 -0.93 10.17 -21.04
N LEU B 306 -1.14 9.23 -20.12
CA LEU B 306 -1.61 9.56 -18.78
C LEU B 306 -0.75 10.65 -18.15
N PHE B 307 0.56 10.47 -18.20
CA PHE B 307 1.49 11.41 -17.57
C PHE B 307 1.71 12.67 -18.40
N GLN B 308 1.49 12.60 -19.71
CA GLN B 308 1.49 13.81 -20.53
C GLN B 308 0.32 14.72 -20.11
N VAL B 309 -0.85 14.11 -19.93
CA VAL B 309 -2.03 14.87 -19.53
C VAL B 309 -1.84 15.42 -18.11
N LEU B 310 -1.41 14.55 -17.20
CA LEU B 310 -1.18 14.95 -15.82
C LEU B 310 -0.22 16.12 -15.72
N THR B 311 0.86 16.06 -16.51
CA THR B 311 1.82 17.15 -16.57
C THR B 311 1.13 18.45 -17.02
N GLY B 312 0.27 18.36 -18.02
CA GLY B 312 -0.52 19.49 -18.48
C GLY B 312 -1.33 20.15 -17.37
N LEU B 313 -1.95 19.32 -16.53
CA LEU B 313 -2.75 19.83 -15.42
C LEU B 313 -1.87 20.55 -14.40
N LYS B 314 -0.66 20.06 -14.19
CA LYS B 314 0.29 20.70 -13.26
C LYS B 314 0.74 22.05 -13.76
N MET B 315 0.76 22.23 -15.08
CA MET B 315 1.02 23.53 -15.70
C MET B 315 -0.16 24.48 -15.50
N ARG B 316 -1.37 23.96 -15.70
CA ARG B 316 -2.58 24.74 -15.48
C ARG B 316 -2.62 25.26 -14.04
N ALA B 317 -2.34 24.36 -13.10
CA ALA B 317 -2.23 24.73 -11.69
C ALA B 317 -1.24 25.87 -11.48
N ALA B 318 -0.03 25.70 -12.02
CA ALA B 318 1.02 26.71 -11.91
C ALA B 318 0.57 28.04 -12.49
N TYR B 319 -0.11 28.01 -13.62
CA TYR B 319 -0.62 29.21 -14.27
C TYR B 319 -1.63 29.94 -13.39
N GLU B 320 -2.63 29.19 -12.91
CA GLU B 320 -3.71 29.75 -12.12
C GLU B 320 -3.22 30.29 -10.78
N ARG B 321 -2.13 29.71 -10.27
CA ARG B 321 -1.48 30.21 -9.04
C ARG B 321 -0.81 31.55 -9.28
N LEU B 322 -0.13 31.68 -10.42
CA LEU B 322 0.63 32.89 -10.75
C LEU B 322 -0.22 34.07 -11.19
N THR B 323 -1.39 33.80 -11.78
CA THR B 323 -2.25 34.84 -12.32
C THR B 323 -3.48 35.15 -11.45
N SER B 324 -3.80 34.26 -10.52
CA SER B 324 -5.06 34.35 -9.75
C SER B 324 -6.25 34.49 -10.70
N GLN B 325 -6.24 33.65 -11.73
CA GLN B 325 -7.17 33.76 -12.85
C GLN B 325 -7.24 32.39 -13.51
N ALA B 326 -8.37 32.11 -14.17
CA ALA B 326 -8.56 30.82 -14.86
C ALA B 326 -7.63 30.72 -16.07
N ALA B 327 -7.11 29.52 -16.31
CA ALA B 327 -6.24 29.28 -17.47
C ALA B 327 -7.06 29.22 -18.75
N PRO B 328 -6.43 29.51 -19.90
CA PRO B 328 -7.11 29.36 -21.19
C PRO B 328 -7.60 27.93 -21.46
N VAL B 329 -8.63 27.80 -22.30
CA VAL B 329 -9.22 26.50 -22.62
C VAL B 329 -9.54 26.39 -24.12
N ALA B 330 -9.55 25.16 -24.63
CA ALA B 330 -9.88 24.91 -26.03
C ALA B 330 -11.38 25.09 -26.26
N ALA B 331 -11.74 25.53 -27.47
CA ALA B 331 -13.13 25.83 -27.81
C ALA B 331 -13.92 24.56 -28.13
N SER B 332 -15.21 24.74 -28.43
CA SER B 332 -16.11 23.63 -28.78
C SER B 332 -17.07 24.07 -29.88
#